data_1CG8
#
_entry.id   1CG8
#
_cell.length_a   57.660
_cell.length_b   100.070
_cell.length_c   107.610
_cell.angle_alpha   90.00
_cell.angle_beta   90.00
_cell.angle_gamma   90.00
#
_symmetry.space_group_name_H-M   'C 2 2 21'
#
loop_
_entity.id
_entity.type
_entity.pdbx_description
1 polymer 'PROTEIN (HEMOGLOBIN)'
2 polymer 'PROTEIN (HEMOGLOBIN)'
3 non-polymer 'PROTOPORPHYRIN IX CONTAINING FE'
4 non-polymer 'CARBON MONOXIDE'
5 water water
#
loop_
_entity_poly.entity_id
_entity_poly.type
_entity_poly.pdbx_seq_one_letter_code
_entity_poly.pdbx_strand_id
1 'polypeptide(L)'
;VLSSQNKKAIEELGNLIKANAEAWGADALARLFELHPQTKTYFSKFSGFEACNEQVKKHGKRVMNALADATHHLDNLHLH
LEDLARKHGENLLVDPHNFHLFADCIVVTLAVNLQAFTPVTHCAVDKFLELVAYELSSCYR
;
A
2 'polypeptide(L)'
;VKLSEDQEHYIKGVWKDVDHKQITAKALERVFVVYPWTTRLFSKLQGLFSANDIGVQQHADKVQRALGEAIDDLKKVEIN
FQNLSGKHQEIGVDTQNFKLLGQTFMVELALHYKKTFRPKEHAAAYKFFRLVAEALSSNYH
;
B
#
# COMPACT_ATOMS: atom_id res chain seq x y z
N VAL A 1 17.86 -5.48 10.55
CA VAL A 1 18.38 -4.11 10.27
C VAL A 1 17.79 -3.63 8.94
N LEU A 2 18.64 -3.02 8.11
CA LEU A 2 18.23 -2.51 6.81
C LEU A 2 19.45 -2.67 5.89
N SER A 3 19.22 -3.08 4.64
CA SER A 3 20.33 -3.26 3.70
C SER A 3 20.96 -1.93 3.30
N SER A 4 22.25 -1.97 2.99
CA SER A 4 23.00 -0.78 2.59
C SER A 4 22.24 0.02 1.53
N GLN A 5 21.79 -0.69 0.49
CA GLN A 5 21.04 -0.09 -0.61
C GLN A 5 19.79 0.61 -0.09
N ASN A 6 19.07 -0.08 0.80
CA ASN A 6 17.86 0.46 1.40
C ASN A 6 18.16 1.59 2.39
N LYS A 7 19.30 1.50 3.05
CA LYS A 7 19.68 2.49 4.04
C LYS A 7 19.90 3.86 3.40
N LYS A 8 20.64 3.87 2.29
CA LYS A 8 20.95 5.10 1.55
C LYS A 8 19.73 5.91 1.11
N ALA A 9 18.79 5.24 0.45
CA ALA A 9 17.57 5.88 -0.02
C ALA A 9 16.79 6.54 1.12
N ILE A 10 16.74 5.86 2.27
CA ILE A 10 16.02 6.36 3.44
C ILE A 10 16.65 7.60 4.06
N GLU A 11 17.97 7.58 4.18
CA GLU A 11 18.73 8.69 4.75
C GLU A 11 18.35 10.02 4.09
N GLU A 12 18.27 10.01 2.76
CA GLU A 12 17.95 11.20 1.98
C GLU A 12 16.47 11.61 2.00
N LEU A 13 15.58 10.61 2.04
CA LEU A 13 14.14 10.84 2.06
C LEU A 13 13.68 11.64 3.28
N GLY A 14 14.41 11.52 4.38
CA GLY A 14 14.07 12.21 5.62
C GLY A 14 14.06 13.73 5.50
N ASN A 15 14.95 14.24 4.66
CA ASN A 15 15.06 15.67 4.43
C ASN A 15 13.76 16.20 3.80
N LEU A 16 13.22 15.43 2.86
CA LEU A 16 11.96 15.78 2.19
C LEU A 16 10.76 15.69 3.13
N ILE A 17 10.71 14.63 3.93
CA ILE A 17 9.60 14.40 4.88
C ILE A 17 9.51 15.54 5.90
N LYS A 18 10.65 15.86 6.52
CA LYS A 18 10.70 16.93 7.51
C LYS A 18 10.13 18.24 6.97
N ALA A 19 10.50 18.58 5.73
CA ALA A 19 10.05 19.80 5.07
C ALA A 19 8.57 19.86 4.75
N ASN A 20 7.99 18.69 4.45
CA ASN A 20 6.58 18.59 4.11
C ASN A 20 5.78 17.80 5.15
N ALA A 21 6.29 17.75 6.37
CA ALA A 21 5.68 17.02 7.47
C ALA A 21 4.16 17.18 7.62
N GLU A 22 3.69 18.42 7.78
CA GLU A 22 2.27 18.68 7.96
C GLU A 22 1.39 18.27 6.80
N ALA A 23 1.71 18.73 5.60
CA ALA A 23 0.95 18.42 4.40
C ALA A 23 0.87 16.91 4.13
N TRP A 24 2.02 16.23 4.23
CA TRP A 24 2.09 14.79 4.00
C TRP A 24 1.44 14.02 5.14
N GLY A 25 1.76 14.41 6.37
CA GLY A 25 1.19 13.77 7.53
C GLY A 25 -0.32 13.84 7.53
N ALA A 26 -0.86 15.01 7.22
CA ALA A 26 -2.32 15.22 7.18
C ALA A 26 -2.93 14.37 6.07
N ASP A 27 -2.21 14.23 4.96
CA ASP A 27 -2.67 13.44 3.84
C ASP A 27 -2.69 11.96 4.22
N ALA A 28 -1.61 11.50 4.87
CA ALA A 28 -1.48 10.10 5.29
C ALA A 28 -2.59 9.69 6.26
N LEU A 29 -2.85 10.54 7.26
CA LEU A 29 -3.91 10.26 8.23
C LEU A 29 -5.30 10.22 7.59
N ALA A 30 -5.58 11.16 6.69
CA ALA A 30 -6.88 11.21 6.02
C ALA A 30 -7.16 9.92 5.25
N ARG A 31 -6.13 9.36 4.63
CA ARG A 31 -6.26 8.12 3.88
C ARG A 31 -6.55 6.97 4.83
N LEU A 32 -5.87 6.95 5.98
CA LEU A 32 -6.07 5.92 7.01
C LEU A 32 -7.52 5.92 7.51
N PHE A 33 -8.02 7.10 7.86
CA PHE A 33 -9.38 7.25 8.35
C PHE A 33 -10.39 6.92 7.26
N GLU A 34 -10.06 7.26 6.01
CA GLU A 34 -10.96 6.99 4.89
C GLU A 34 -11.01 5.50 4.53
N LEU A 35 -9.84 4.88 4.37
CA LEU A 35 -9.77 3.46 4.02
C LEU A 35 -10.20 2.54 5.16
N HIS A 36 -9.83 2.92 6.39
CA HIS A 36 -10.14 2.11 7.58
C HIS A 36 -10.80 2.95 8.69
N PRO A 37 -12.08 3.28 8.53
CA PRO A 37 -12.81 4.09 9.51
C PRO A 37 -12.81 3.63 10.98
N GLN A 38 -12.53 2.35 11.21
CA GLN A 38 -12.51 1.82 12.56
C GLN A 38 -11.34 2.40 13.36
N THR A 39 -10.37 2.95 12.64
CA THR A 39 -9.19 3.54 13.26
C THR A 39 -9.49 4.88 13.93
N LYS A 40 -10.65 5.46 13.60
CA LYS A 40 -11.06 6.75 14.15
C LYS A 40 -11.34 6.63 15.65
N THR A 41 -11.64 5.41 16.09
CA THR A 41 -11.93 5.16 17.50
C THR A 41 -10.76 5.50 18.42
N TYR A 42 -9.55 5.54 17.87
CA TYR A 42 -8.37 5.86 18.67
C TYR A 42 -8.28 7.35 18.92
N PHE A 43 -8.88 8.12 18.03
CA PHE A 43 -8.83 9.58 18.12
C PHE A 43 -10.15 10.17 18.61
N SER A 44 -10.47 9.87 19.87
CA SER A 44 -11.70 10.31 20.53
C SER A 44 -11.81 11.83 20.64
N LYS A 45 -10.67 12.51 20.71
CA LYS A 45 -10.65 13.96 20.83
C LYS A 45 -10.92 14.72 19.53
N PHE A 46 -10.54 14.14 18.39
CA PHE A 46 -10.72 14.76 17.08
C PHE A 46 -12.18 15.14 16.81
N SER A 47 -12.38 16.22 16.06
CA SER A 47 -13.73 16.67 15.71
C SER A 47 -14.04 16.33 14.26
N GLY A 48 -12.98 16.21 13.46
CA GLY A 48 -13.12 15.89 12.05
C GLY A 48 -11.95 15.03 11.62
N PHE A 49 -12.07 14.38 10.47
CA PHE A 49 -11.02 13.49 9.98
C PHE A 49 -10.51 13.78 8.58
N GLU A 50 -10.90 14.93 8.03
CA GLU A 50 -10.47 15.36 6.70
C GLU A 50 -9.04 15.90 6.81
N ALA A 51 -8.31 15.93 5.70
CA ALA A 51 -6.92 16.42 5.72
C ALA A 51 -6.82 17.91 6.02
N CYS A 52 -7.94 18.62 5.92
CA CYS A 52 -8.00 20.06 6.19
C CYS A 52 -8.25 20.38 7.66
N ASN A 53 -8.70 19.37 8.42
CA ASN A 53 -8.98 19.52 9.84
C ASN A 53 -7.68 19.84 10.58
N GLU A 54 -7.68 20.94 11.33
CA GLU A 54 -6.52 21.40 12.08
C GLU A 54 -5.93 20.36 13.04
N GLN A 55 -6.80 19.54 13.64
CA GLN A 55 -6.33 18.51 14.56
C GLN A 55 -5.55 17.48 13.77
N VAL A 56 -6.09 17.10 12.61
CA VAL A 56 -5.46 16.13 11.72
C VAL A 56 -4.12 16.66 11.23
N LYS A 57 -4.06 17.96 10.96
CA LYS A 57 -2.86 18.63 10.49
C LYS A 57 -1.77 18.69 11.55
N LYS A 58 -2.20 18.91 12.79
CA LYS A 58 -1.28 19.00 13.93
C LYS A 58 -0.70 17.64 14.27
N HIS A 59 -1.55 16.62 14.23
CA HIS A 59 -1.15 15.25 14.52
C HIS A 59 -0.31 14.68 13.37
N GLY A 60 -0.71 14.98 12.14
CA GLY A 60 0.02 14.51 10.97
C GLY A 60 1.44 15.05 10.92
N LYS A 61 1.62 16.29 11.36
CA LYS A 61 2.94 16.91 11.38
C LYS A 61 3.84 16.18 12.37
N ARG A 62 3.28 15.82 13.52
CA ARG A 62 4.02 15.10 14.54
C ARG A 62 4.44 13.70 14.12
N VAL A 63 3.59 13.01 13.36
CA VAL A 63 3.89 11.67 12.87
C VAL A 63 5.07 11.74 11.89
N MET A 64 4.96 12.65 10.90
CA MET A 64 6.00 12.84 9.89
C MET A 64 7.31 13.35 10.49
N ASN A 65 7.22 14.20 11.50
CA ASN A 65 8.43 14.71 12.15
C ASN A 65 9.12 13.54 12.88
N ALA A 66 8.33 12.62 13.42
CA ALA A 66 8.87 11.45 14.10
C ALA A 66 9.56 10.52 13.09
N LEU A 67 8.92 10.33 11.93
CA LEU A 67 9.49 9.50 10.87
C LEU A 67 10.81 10.05 10.32
N ALA A 68 10.85 11.37 10.08
CA ALA A 68 12.05 12.00 9.55
C ALA A 68 13.19 11.82 10.56
N ASP A 69 12.86 11.95 11.84
CA ASP A 69 13.83 11.79 12.91
C ASP A 69 14.44 10.40 12.88
N ALA A 70 13.57 9.39 12.78
CA ALA A 70 13.96 7.98 12.75
C ALA A 70 14.91 7.62 11.61
N THR A 71 14.81 8.32 10.47
CA THR A 71 15.69 8.05 9.32
C THR A 71 17.15 8.35 9.66
N HIS A 72 17.35 9.21 10.67
CA HIS A 72 18.67 9.60 11.14
C HIS A 72 19.17 8.71 12.27
N HIS A 73 18.39 7.68 12.62
CA HIS A 73 18.76 6.77 13.69
C HIS A 73 18.44 5.33 13.33
N LEU A 74 18.87 4.92 12.14
CA LEU A 74 18.62 3.57 11.65
C LEU A 74 19.43 2.46 12.32
N ASP A 75 20.55 2.79 12.94
CA ASP A 75 21.36 1.77 13.59
C ASP A 75 20.99 1.46 15.04
N ASN A 76 20.04 2.21 15.59
CA ASN A 76 19.57 2.00 16.96
C ASN A 76 18.13 2.49 17.07
N LEU A 77 17.28 1.92 16.21
CA LEU A 77 15.88 2.28 16.16
C LEU A 77 15.09 1.92 17.42
N HIS A 78 15.53 0.89 18.13
CA HIS A 78 14.85 0.46 19.35
C HIS A 78 14.90 1.56 20.40
N LEU A 79 16.11 2.05 20.67
CA LEU A 79 16.36 3.11 21.64
C LEU A 79 15.64 4.41 21.27
N HIS A 80 15.65 4.73 19.97
CA HIS A 80 15.02 5.95 19.48
C HIS A 80 13.49 5.93 19.56
N LEU A 81 12.88 4.79 19.21
CA LEU A 81 11.42 4.64 19.20
C LEU A 81 10.79 4.14 20.49
N GLU A 82 11.62 3.87 21.50
CA GLU A 82 11.18 3.35 22.80
C GLU A 82 9.95 4.04 23.43
N ASP A 83 9.96 5.37 23.53
CA ASP A 83 8.85 6.11 24.12
C ASP A 83 7.56 5.99 23.33
N LEU A 84 7.66 6.08 22.01
CA LEU A 84 6.50 5.98 21.13
C LEU A 84 5.92 4.58 21.20
N ALA A 85 6.78 3.60 21.44
CA ALA A 85 6.34 2.21 21.56
C ALA A 85 5.47 2.11 22.81
N ARG A 86 5.95 2.67 23.91
CA ARG A 86 5.23 2.68 25.18
C ARG A 86 3.90 3.41 25.03
N LYS A 87 3.94 4.56 24.38
CA LYS A 87 2.75 5.36 24.12
C LYS A 87 1.71 4.53 23.35
N HIS A 88 2.11 3.99 22.21
CA HIS A 88 1.22 3.19 21.36
C HIS A 88 0.87 1.79 21.88
N GLY A 89 1.84 1.12 22.49
CA GLY A 89 1.61 -0.22 22.99
C GLY A 89 0.94 -0.31 24.35
N GLU A 90 1.58 0.28 25.36
CA GLU A 90 1.04 0.24 26.71
C GLU A 90 -0.17 1.14 26.93
N ASN A 91 -0.07 2.39 26.51
CA ASN A 91 -1.16 3.32 26.72
C ASN A 91 -2.36 3.19 25.82
N LEU A 92 -2.15 3.35 24.52
CA LEU A 92 -3.25 3.32 23.55
C LEU A 92 -3.72 1.95 23.08
N LEU A 93 -2.93 0.92 23.35
CA LEU A 93 -3.27 -0.44 22.91
C LEU A 93 -3.52 -0.47 21.41
N VAL A 94 -2.58 0.09 20.66
CA VAL A 94 -2.70 0.13 19.21
C VAL A 94 -2.39 -1.25 18.61
N ASP A 95 -3.37 -1.78 17.91
CA ASP A 95 -3.31 -3.07 17.23
C ASP A 95 -2.13 -3.03 16.24
N PRO A 96 -1.15 -3.94 16.39
CA PRO A 96 0.03 -4.00 15.51
C PRO A 96 -0.30 -3.95 14.02
N HIS A 97 -1.41 -4.57 13.64
CA HIS A 97 -1.84 -4.61 12.26
C HIS A 97 -2.08 -3.20 11.71
N ASN A 98 -2.53 -2.30 12.58
CA ASN A 98 -2.79 -0.91 12.21
C ASN A 98 -1.56 -0.18 11.70
N PHE A 99 -0.39 -0.50 12.26
CA PHE A 99 0.86 0.13 11.83
C PHE A 99 1.12 -0.22 10.35
N HIS A 100 0.79 -1.46 9.96
CA HIS A 100 1.00 -1.89 8.57
C HIS A 100 -0.02 -1.25 7.63
N LEU A 101 -1.27 -1.16 8.07
CA LEU A 101 -2.32 -0.53 7.28
C LEU A 101 -1.95 0.94 7.02
N PHE A 102 -1.39 1.59 8.04
CA PHE A 102 -0.96 2.98 7.98
C PHE A 102 0.28 3.11 7.07
N ALA A 103 1.21 2.17 7.16
CA ALA A 103 2.40 2.19 6.32
C ALA A 103 2.01 2.15 4.84
N ASP A 104 1.01 1.34 4.50
CA ASP A 104 0.53 1.23 3.11
C ASP A 104 -0.08 2.54 2.62
N CYS A 105 -0.61 3.33 3.55
CA CYS A 105 -1.21 4.64 3.23
C CYS A 105 -0.13 5.68 3.01
N ILE A 106 0.89 5.64 3.86
CA ILE A 106 2.02 6.57 3.79
C ILE A 106 2.74 6.42 2.45
N VAL A 107 2.87 5.17 1.99
CA VAL A 107 3.52 4.90 0.72
C VAL A 107 2.78 5.58 -0.43
N VAL A 108 1.45 5.59 -0.38
CA VAL A 108 0.66 6.22 -1.44
C VAL A 108 0.83 7.76 -1.37
N THR A 109 0.91 8.30 -0.16
CA THR A 109 1.10 9.73 0.04
C THR A 109 2.41 10.15 -0.61
N LEU A 110 3.45 9.33 -0.43
CA LEU A 110 4.75 9.59 -1.02
C LEU A 110 4.72 9.47 -2.55
N ALA A 111 3.98 8.49 -3.06
CA ALA A 111 3.88 8.28 -4.50
C ALA A 111 3.17 9.45 -5.19
N VAL A 112 2.21 10.06 -4.49
CA VAL A 112 1.44 11.18 -5.02
C VAL A 112 2.20 12.51 -4.94
N ASN A 113 3.13 12.62 -4.00
CA ASN A 113 3.88 13.84 -3.81
C ASN A 113 5.31 13.89 -4.29
N LEU A 114 5.99 12.75 -4.38
CA LEU A 114 7.38 12.73 -4.83
C LEU A 114 7.48 12.86 -6.35
N GLN A 115 8.56 13.50 -6.80
CA GLN A 115 8.81 13.69 -8.22
C GLN A 115 8.88 12.33 -8.91
N ALA A 116 9.54 11.38 -8.25
CA ALA A 116 9.67 10.03 -8.76
C ALA A 116 9.60 9.01 -7.61
N PHE A 117 9.02 7.86 -7.88
CA PHE A 117 8.89 6.80 -6.86
C PHE A 117 9.07 5.43 -7.54
N THR A 118 10.31 5.09 -7.85
CA THR A 118 10.63 3.82 -8.50
C THR A 118 10.44 2.63 -7.56
N PRO A 119 10.35 1.40 -8.12
CA PRO A 119 10.17 0.20 -7.30
C PRO A 119 11.28 0.07 -6.24
N VAL A 120 12.50 0.48 -6.59
CA VAL A 120 13.63 0.40 -5.68
C VAL A 120 13.47 1.32 -4.47
N THR A 121 13.01 2.55 -4.71
CA THR A 121 12.78 3.53 -3.64
C THR A 121 11.61 3.05 -2.79
N HIS A 122 10.54 2.59 -3.44
CA HIS A 122 9.36 2.07 -2.78
C HIS A 122 9.76 0.91 -1.87
N CYS A 123 10.65 0.04 -2.36
CA CYS A 123 11.13 -1.12 -1.60
C CYS A 123 11.82 -0.68 -0.30
N ALA A 124 12.72 0.29 -0.41
CA ALA A 124 13.46 0.81 0.75
C ALA A 124 12.51 1.40 1.80
N VAL A 125 11.54 2.21 1.35
CA VAL A 125 10.56 2.81 2.25
C VAL A 125 9.71 1.73 2.96
N ASP A 126 9.28 0.74 2.20
CA ASP A 126 8.48 -0.36 2.74
C ASP A 126 9.23 -1.09 3.86
N LYS A 127 10.50 -1.40 3.64
CA LYS A 127 11.29 -2.09 4.66
C LYS A 127 11.55 -1.20 5.88
N PHE A 128 11.71 0.10 5.64
CA PHE A 128 11.91 1.07 6.72
C PHE A 128 10.65 1.14 7.59
N LEU A 129 9.49 1.22 6.95
CA LEU A 129 8.23 1.30 7.67
C LEU A 129 7.94 -0.02 8.40
N GLU A 130 8.39 -1.12 7.82
CA GLU A 130 8.22 -2.42 8.43
C GLU A 130 9.03 -2.47 9.72
N LEU A 131 10.19 -1.81 9.73
CA LEU A 131 11.03 -1.75 10.92
C LEU A 131 10.34 -0.91 12.01
N VAL A 132 9.77 0.20 11.60
CA VAL A 132 9.07 1.09 12.51
C VAL A 132 7.88 0.36 13.15
N ALA A 133 7.10 -0.34 12.34
CA ALA A 133 5.94 -1.09 12.84
C ALA A 133 6.36 -2.09 13.92
N TYR A 134 7.46 -2.79 13.66
CA TYR A 134 8.01 -3.79 14.57
C TYR A 134 8.43 -3.16 15.89
N GLU A 135 9.08 -2.00 15.84
CA GLU A 135 9.52 -1.35 17.07
C GLU A 135 8.36 -0.74 17.86
N LEU A 136 7.33 -0.26 17.17
CA LEU A 136 6.19 0.32 17.87
C LEU A 136 5.29 -0.75 18.50
N SER A 137 5.55 -2.01 18.16
CA SER A 137 4.79 -3.15 18.70
C SER A 137 5.59 -3.89 19.77
N SER A 138 6.78 -3.38 20.08
CA SER A 138 7.65 -4.02 21.06
C SER A 138 7.08 -4.22 22.48
N CYS A 139 6.14 -3.37 22.90
CA CYS A 139 5.57 -3.51 24.23
C CYS A 139 4.68 -4.74 24.40
N TYR A 140 4.39 -5.41 23.29
CA TYR A 140 3.57 -6.61 23.32
C TYR A 140 4.41 -7.88 23.45
N ARG A 141 5.73 -7.72 23.44
CA ARG A 141 6.66 -8.83 23.56
C ARG A 141 7.29 -8.93 24.93
N VAL B 1 -17.29 -8.21 0.56
CA VAL B 1 -17.17 -6.72 0.43
C VAL B 1 -17.90 -6.22 -0.82
N LYS B 2 -18.38 -4.98 -0.77
CA LYS B 2 -19.06 -4.41 -1.92
C LYS B 2 -18.83 -2.90 -2.03
N LEU B 3 -18.83 -2.42 -3.26
CA LEU B 3 -18.62 -1.01 -3.53
C LEU B 3 -19.91 -0.24 -3.71
N SER B 4 -19.93 1.01 -3.23
CA SER B 4 -21.11 1.85 -3.36
C SER B 4 -21.23 2.25 -4.83
N GLU B 5 -22.33 2.93 -5.17
CA GLU B 5 -22.57 3.37 -6.55
C GLU B 5 -21.47 4.32 -7.04
N ASP B 6 -20.99 5.17 -6.15
CA ASP B 6 -19.95 6.14 -6.46
C ASP B 6 -18.61 5.46 -6.72
N GLN B 7 -18.29 4.44 -5.91
CA GLN B 7 -17.04 3.71 -6.03
C GLN B 7 -16.99 2.86 -7.30
N GLU B 8 -18.11 2.24 -7.65
CA GLU B 8 -18.16 1.42 -8.85
C GLU B 8 -17.98 2.31 -10.08
N HIS B 9 -18.56 3.51 -10.04
CA HIS B 9 -18.46 4.46 -11.15
C HIS B 9 -17.02 4.91 -11.37
N TYR B 10 -16.32 5.18 -10.27
CA TYR B 10 -14.93 5.61 -10.33
C TYR B 10 -14.05 4.53 -10.93
N ILE B 11 -14.22 3.29 -10.46
CA ILE B 11 -13.42 2.16 -10.95
C ILE B 11 -13.62 1.87 -12.45
N LYS B 12 -14.86 1.94 -12.91
CA LYS B 12 -15.16 1.73 -14.32
C LYS B 12 -14.54 2.90 -15.10
N GLY B 13 -14.60 4.09 -14.51
CA GLY B 13 -14.05 5.27 -15.13
C GLY B 13 -12.55 5.19 -15.30
N VAL B 14 -11.87 4.70 -14.27
CA VAL B 14 -10.41 4.53 -14.28
C VAL B 14 -10.02 3.50 -15.34
N TRP B 15 -10.77 2.39 -15.39
CA TRP B 15 -10.50 1.33 -16.35
C TRP B 15 -10.67 1.81 -17.80
N LYS B 16 -11.50 2.83 -18.03
CA LYS B 16 -11.68 3.38 -19.37
C LYS B 16 -10.56 4.36 -19.70
N ASP B 17 -9.98 4.94 -18.66
CA ASP B 17 -8.94 5.93 -18.80
C ASP B 17 -7.52 5.38 -18.95
N VAL B 18 -7.13 4.44 -18.10
CA VAL B 18 -5.78 3.89 -18.15
C VAL B 18 -5.53 2.84 -19.21
N ASP B 19 -4.25 2.64 -19.51
CA ASP B 19 -3.80 1.62 -20.45
C ASP B 19 -3.69 0.36 -19.60
N HIS B 20 -4.68 -0.52 -19.73
CA HIS B 20 -4.77 -1.78 -19.00
C HIS B 20 -3.45 -2.53 -18.85
N LYS B 21 -2.87 -2.90 -19.99
CA LYS B 21 -1.64 -3.67 -20.01
C LYS B 21 -0.43 -2.97 -19.43
N GLN B 22 -0.18 -1.72 -19.82
CA GLN B 22 1.00 -1.04 -19.33
C GLN B 22 1.00 -0.84 -17.80
N ILE B 23 -0.15 -0.46 -17.26
CA ILE B 23 -0.26 -0.24 -15.82
C ILE B 23 -0.15 -1.55 -15.03
N THR B 24 -0.71 -2.62 -15.59
CA THR B 24 -0.65 -3.94 -14.98
C THR B 24 0.79 -4.45 -14.99
N ALA B 25 1.48 -4.27 -16.12
CA ALA B 25 2.88 -4.70 -16.27
C ALA B 25 3.77 -3.98 -15.27
N LYS B 26 3.52 -2.69 -15.07
CA LYS B 26 4.30 -1.92 -14.10
C LYS B 26 3.98 -2.33 -12.66
N ALA B 27 2.74 -2.75 -12.42
CA ALA B 27 2.32 -3.21 -11.08
C ALA B 27 3.05 -4.51 -10.75
N LEU B 28 3.19 -5.39 -11.76
CA LEU B 28 3.89 -6.68 -11.59
C LEU B 28 5.38 -6.46 -11.37
N GLU B 29 5.98 -5.53 -12.11
CA GLU B 29 7.38 -5.22 -11.92
C GLU B 29 7.61 -4.73 -10.48
N ARG B 30 6.69 -3.89 -10.02
CA ARG B 30 6.78 -3.30 -8.68
C ARG B 30 6.63 -4.37 -7.58
N VAL B 31 5.69 -5.29 -7.74
CA VAL B 31 5.50 -6.34 -6.72
C VAL B 31 6.75 -7.25 -6.62
N PHE B 32 7.39 -7.54 -7.75
CA PHE B 32 8.59 -8.37 -7.79
C PHE B 32 9.76 -7.73 -7.05
N VAL B 33 9.85 -6.41 -7.10
CA VAL B 33 10.93 -5.70 -6.45
C VAL B 33 10.64 -5.41 -4.97
N VAL B 34 9.44 -4.91 -4.70
CA VAL B 34 9.05 -4.57 -3.34
C VAL B 34 8.90 -5.83 -2.46
N TYR B 35 8.33 -6.88 -3.03
CA TYR B 35 8.11 -8.13 -2.29
C TYR B 35 8.80 -9.25 -3.08
N PRO B 36 10.14 -9.35 -2.96
CA PRO B 36 11.02 -10.32 -3.63
C PRO B 36 10.55 -11.76 -3.72
N TRP B 37 9.96 -12.28 -2.64
CA TRP B 37 9.48 -13.65 -2.61
C TRP B 37 8.41 -13.96 -3.65
N THR B 38 7.77 -12.93 -4.19
CA THR B 38 6.71 -13.13 -5.18
C THR B 38 7.20 -13.67 -6.53
N THR B 39 8.51 -13.59 -6.79
CA THR B 39 9.07 -14.07 -8.04
C THR B 39 9.23 -15.59 -8.07
N ARG B 40 9.16 -16.23 -6.90
CA ARG B 40 9.37 -17.67 -6.76
C ARG B 40 8.71 -18.58 -7.80
N LEU B 41 7.40 -18.46 -7.97
CA LEU B 41 6.69 -19.31 -8.90
C LEU B 41 6.64 -18.83 -10.35
N PHE B 42 7.38 -17.77 -10.65
CA PHE B 42 7.42 -17.20 -12.00
C PHE B 42 8.70 -17.64 -12.71
N SER B 43 8.85 -18.95 -12.83
CA SER B 43 10.01 -19.56 -13.48
C SER B 43 9.99 -19.35 -14.99
N LYS B 44 8.79 -19.30 -15.57
CA LYS B 44 8.66 -19.10 -17.01
C LYS B 44 9.27 -17.76 -17.46
N LEU B 45 9.37 -16.80 -16.54
CA LEU B 45 9.93 -15.49 -16.84
C LEU B 45 11.45 -15.48 -16.96
N GLN B 46 12.06 -16.65 -16.72
CA GLN B 46 13.50 -16.83 -16.82
C GLN B 46 14.32 -15.66 -16.28
N GLY B 47 13.99 -15.17 -15.10
CA GLY B 47 14.73 -14.08 -14.49
C GLY B 47 14.56 -12.68 -15.05
N LEU B 48 13.64 -12.51 -15.99
CA LEU B 48 13.39 -11.19 -16.59
C LEU B 48 12.10 -10.64 -15.97
N PHE B 49 12.27 -9.76 -14.99
CA PHE B 49 11.14 -9.21 -14.25
C PHE B 49 10.73 -7.76 -14.48
N SER B 50 11.23 -7.14 -15.54
CA SER B 50 10.90 -5.75 -15.83
C SER B 50 9.62 -5.63 -16.66
N ALA B 51 8.96 -4.47 -16.55
CA ALA B 51 7.71 -4.19 -17.25
C ALA B 51 7.80 -4.31 -18.75
N ASN B 52 8.99 -4.01 -19.29
CA ASN B 52 9.24 -4.06 -20.71
C ASN B 52 9.71 -5.40 -21.24
N ASP B 53 9.76 -6.41 -20.38
CA ASP B 53 10.18 -7.74 -20.81
C ASP B 53 8.98 -8.46 -21.40
N ILE B 54 9.20 -9.21 -22.48
CA ILE B 54 8.12 -9.91 -23.18
C ILE B 54 7.32 -10.86 -22.29
N GLY B 55 8.02 -11.57 -21.41
CA GLY B 55 7.34 -12.50 -20.51
C GLY B 55 6.35 -11.78 -19.61
N VAL B 56 6.83 -10.72 -18.95
CA VAL B 56 5.99 -9.92 -18.05
C VAL B 56 4.81 -9.34 -18.83
N GLN B 57 5.08 -8.87 -20.03
CA GLN B 57 4.06 -8.29 -20.89
C GLN B 57 2.94 -9.28 -21.19
N GLN B 58 3.31 -10.53 -21.51
CA GLN B 58 2.34 -11.57 -21.81
C GLN B 58 1.49 -11.95 -20.60
N HIS B 59 2.14 -11.99 -19.44
CA HIS B 59 1.47 -12.31 -18.20
C HIS B 59 0.54 -11.15 -17.82
N ALA B 60 1.02 -9.92 -18.02
CA ALA B 60 0.23 -8.73 -17.72
C ALA B 60 -1.06 -8.70 -18.53
N ASP B 61 -1.01 -9.21 -19.76
CA ASP B 61 -2.19 -9.24 -20.61
C ASP B 61 -3.23 -10.19 -20.02
N LYS B 62 -2.77 -11.28 -19.41
CA LYS B 62 -3.67 -12.26 -18.79
C LYS B 62 -4.33 -11.67 -17.53
N VAL B 63 -3.52 -11.04 -16.69
CA VAL B 63 -3.98 -10.43 -15.45
C VAL B 63 -4.96 -9.29 -15.69
N GLN B 64 -4.66 -8.41 -16.64
CA GLN B 64 -5.56 -7.28 -16.92
C GLN B 64 -6.91 -7.74 -17.46
N ARG B 65 -6.91 -8.84 -18.21
CA ARG B 65 -8.13 -9.38 -18.78
C ARG B 65 -9.04 -9.90 -17.67
N ALA B 66 -8.42 -10.52 -16.66
CA ALA B 66 -9.17 -11.05 -15.52
C ALA B 66 -9.79 -9.89 -14.73
N LEU B 67 -9.00 -8.84 -14.50
CA LEU B 67 -9.48 -7.66 -13.76
C LEU B 67 -10.66 -7.02 -14.49
N GLY B 68 -10.56 -6.99 -15.82
CA GLY B 68 -11.63 -6.42 -16.63
C GLY B 68 -12.91 -7.23 -16.48
N GLU B 69 -12.75 -8.56 -16.38
CA GLU B 69 -13.91 -9.43 -16.22
C GLU B 69 -14.57 -9.17 -14.86
N ALA B 70 -13.77 -8.77 -13.87
CA ALA B 70 -14.28 -8.47 -12.54
C ALA B 70 -15.05 -7.15 -12.57
N ILE B 71 -14.46 -6.14 -13.20
CA ILE B 71 -15.06 -4.82 -13.32
C ILE B 71 -16.40 -4.87 -14.08
N ASP B 72 -16.50 -5.77 -15.05
CA ASP B 72 -17.71 -5.93 -15.85
C ASP B 72 -18.90 -6.47 -15.06
N ASP B 73 -18.63 -7.29 -14.05
CA ASP B 73 -19.69 -7.89 -13.23
C ASP B 73 -19.21 -8.01 -11.79
N LEU B 74 -19.13 -6.87 -11.10
CA LEU B 74 -18.68 -6.82 -9.72
C LEU B 74 -19.50 -7.67 -8.74
N LYS B 75 -20.68 -8.08 -9.17
CA LYS B 75 -21.54 -8.90 -8.32
C LYS B 75 -21.21 -10.39 -8.41
N LYS B 76 -20.68 -10.82 -9.55
CA LYS B 76 -20.36 -12.24 -9.75
C LYS B 76 -18.85 -12.55 -9.75
N VAL B 77 -18.04 -11.66 -9.19
CA VAL B 77 -16.58 -11.87 -9.19
C VAL B 77 -16.15 -13.16 -8.50
N GLU B 78 -16.63 -13.36 -7.27
CA GLU B 78 -16.29 -14.54 -6.48
C GLU B 78 -16.59 -15.83 -7.24
N ILE B 79 -17.73 -15.86 -7.91
CA ILE B 79 -18.16 -17.02 -8.68
C ILE B 79 -17.31 -17.19 -9.95
N ASN B 80 -17.05 -16.07 -10.63
CA ASN B 80 -16.25 -16.07 -11.85
C ASN B 80 -14.78 -16.42 -11.63
N PHE B 81 -14.28 -16.09 -10.44
CA PHE B 81 -12.89 -16.35 -10.08
C PHE B 81 -12.64 -17.69 -9.38
N GLN B 82 -13.67 -18.53 -9.31
CA GLN B 82 -13.55 -19.83 -8.66
C GLN B 82 -12.37 -20.63 -9.21
N ASN B 83 -12.37 -20.81 -10.53
CA ASN B 83 -11.31 -21.55 -11.21
C ASN B 83 -9.93 -20.95 -11.00
N LEU B 84 -9.82 -19.65 -11.27
CA LEU B 84 -8.58 -18.91 -11.12
C LEU B 84 -8.06 -18.98 -9.67
N SER B 85 -8.98 -19.01 -8.72
CA SER B 85 -8.62 -19.10 -7.31
C SER B 85 -7.92 -20.44 -7.09
N GLY B 86 -8.58 -21.50 -7.56
CA GLY B 86 -8.05 -22.84 -7.43
C GLY B 86 -6.72 -22.99 -8.14
N LYS B 87 -6.65 -22.35 -9.31
CA LYS B 87 -5.46 -22.36 -10.16
C LYS B 87 -4.26 -21.80 -9.39
N HIS B 88 -4.47 -20.73 -8.63
CA HIS B 88 -3.38 -20.14 -7.85
C HIS B 88 -2.95 -21.01 -6.67
N GLN B 89 -3.89 -21.70 -6.04
CA GLN B 89 -3.51 -22.56 -4.92
C GLN B 89 -2.66 -23.71 -5.43
N GLU B 90 -3.07 -24.29 -6.55
CA GLU B 90 -2.36 -25.40 -7.18
C GLU B 90 -0.90 -25.03 -7.41
N ILE B 91 -0.70 -23.86 -7.98
CA ILE B 91 0.63 -23.32 -8.28
C ILE B 91 1.44 -23.10 -7.00
N GLY B 92 0.75 -22.83 -5.89
CA GLY B 92 1.42 -22.63 -4.61
C GLY B 92 1.56 -21.21 -4.08
N VAL B 93 0.72 -20.29 -4.57
CA VAL B 93 0.80 -18.90 -4.11
C VAL B 93 0.01 -18.62 -2.82
N ASP B 94 0.67 -17.95 -1.88
CA ASP B 94 0.10 -17.57 -0.59
C ASP B 94 -0.98 -16.52 -0.78
N THR B 95 -2.14 -16.73 -0.16
CA THR B 95 -3.28 -15.81 -0.27
C THR B 95 -2.99 -14.34 0.02
N GLN B 96 -2.05 -14.07 0.91
CA GLN B 96 -1.70 -12.69 1.26
C GLN B 96 -1.07 -11.94 0.08
N ASN B 97 -0.54 -12.69 -0.89
CA ASN B 97 0.09 -12.10 -2.06
C ASN B 97 -0.88 -11.27 -2.88
N PHE B 98 -2.15 -11.69 -2.91
CA PHE B 98 -3.17 -10.98 -3.67
C PHE B 98 -3.31 -9.54 -3.21
N LYS B 99 -3.18 -9.33 -1.91
CA LYS B 99 -3.27 -8.01 -1.29
C LYS B 99 -2.05 -7.17 -1.69
N LEU B 100 -0.91 -7.83 -1.82
CA LEU B 100 0.32 -7.15 -2.20
C LEU B 100 0.27 -6.58 -3.63
N LEU B 101 -0.31 -7.32 -4.56
CA LEU B 101 -0.43 -6.85 -5.93
C LEU B 101 -1.41 -5.69 -5.94
N GLY B 102 -2.44 -5.78 -5.10
CA GLY B 102 -3.42 -4.71 -4.99
C GLY B 102 -2.74 -3.42 -4.53
N GLN B 103 -1.78 -3.56 -3.63
CA GLN B 103 -1.03 -2.42 -3.12
C GLN B 103 -0.13 -1.76 -4.17
N THR B 104 0.62 -2.55 -4.93
CA THR B 104 1.50 -1.98 -5.96
C THR B 104 0.70 -1.36 -7.11
N PHE B 105 -0.52 -1.87 -7.31
CA PHE B 105 -1.41 -1.37 -8.33
C PHE B 105 -1.90 0.02 -7.93
N MET B 106 -2.21 0.21 -6.65
CA MET B 106 -2.67 1.51 -6.16
C MET B 106 -1.56 2.53 -6.17
N VAL B 107 -0.32 2.07 -6.04
CA VAL B 107 0.83 2.97 -6.08
C VAL B 107 0.96 3.47 -7.52
N GLU B 108 0.77 2.57 -8.50
CA GLU B 108 0.82 2.94 -9.91
C GLU B 108 -0.32 3.88 -10.31
N LEU B 109 -1.48 3.71 -9.68
CA LEU B 109 -2.65 4.56 -9.91
C LEU B 109 -2.32 5.97 -9.37
N ALA B 110 -1.64 5.99 -8.22
CA ALA B 110 -1.24 7.21 -7.54
C ALA B 110 -0.20 7.98 -8.36
N LEU B 111 0.76 7.26 -8.94
CA LEU B 111 1.79 7.86 -9.77
C LEU B 111 1.19 8.45 -11.05
N HIS B 112 0.14 7.82 -11.55
CA HIS B 112 -0.55 8.25 -12.75
C HIS B 112 -1.46 9.46 -12.53
N TYR B 113 -2.33 9.39 -11.54
CA TYR B 113 -3.27 10.48 -11.26
C TYR B 113 -2.81 11.55 -10.28
N LYS B 114 -1.71 11.28 -9.58
CA LYS B 114 -1.14 12.20 -8.60
C LYS B 114 -2.16 12.82 -7.64
N LYS B 115 -2.21 14.15 -7.57
CA LYS B 115 -3.13 14.85 -6.68
C LYS B 115 -4.63 14.58 -6.83
N THR B 116 -5.05 14.03 -7.96
CA THR B 116 -6.48 13.74 -8.09
C THR B 116 -6.79 12.39 -7.45
N PHE B 117 -5.76 11.68 -7.01
CA PHE B 117 -5.94 10.38 -6.34
C PHE B 117 -6.04 10.70 -4.85
N ARG B 118 -7.17 11.26 -4.46
CA ARG B 118 -7.41 11.65 -3.08
C ARG B 118 -7.96 10.48 -2.25
N PRO B 119 -8.04 10.63 -0.92
CA PRO B 119 -8.56 9.58 -0.02
C PRO B 119 -9.82 8.88 -0.53
N LYS B 120 -10.78 9.64 -1.07
CA LYS B 120 -12.01 9.04 -1.58
C LYS B 120 -11.76 8.10 -2.77
N GLU B 121 -10.86 8.49 -3.69
CA GLU B 121 -10.50 7.68 -4.86
C GLU B 121 -9.71 6.45 -4.42
N HIS B 122 -8.76 6.69 -3.53
CA HIS B 122 -7.90 5.67 -2.97
C HIS B 122 -8.75 4.60 -2.27
N ALA B 123 -9.75 5.05 -1.52
CA ALA B 123 -10.65 4.14 -0.82
C ALA B 123 -11.47 3.30 -1.80
N ALA B 124 -11.86 3.88 -2.93
CA ALA B 124 -12.62 3.14 -3.93
C ALA B 124 -11.76 2.04 -4.56
N ALA B 125 -10.50 2.38 -4.85
CA ALA B 125 -9.56 1.45 -5.44
C ALA B 125 -9.24 0.31 -4.47
N TYR B 126 -8.95 0.66 -3.21
CA TYR B 126 -8.65 -0.31 -2.16
C TYR B 126 -9.80 -1.31 -1.98
N LYS B 127 -11.02 -0.78 -2.00
CA LYS B 127 -12.20 -1.59 -1.84
C LYS B 127 -12.32 -2.57 -3.00
N PHE B 128 -11.93 -2.11 -4.20
CA PHE B 128 -11.98 -2.95 -5.39
C PHE B 128 -10.97 -4.09 -5.31
N PHE B 129 -9.74 -3.76 -4.94
CA PHE B 129 -8.70 -4.77 -4.82
C PHE B 129 -8.92 -5.72 -3.65
N ARG B 130 -9.69 -5.29 -2.66
CA ARG B 130 -10.02 -6.10 -1.50
C ARG B 130 -11.04 -7.14 -1.93
N LEU B 131 -11.91 -6.76 -2.86
CA LEU B 131 -12.94 -7.65 -3.38
C LEU B 131 -12.29 -8.70 -4.29
N VAL B 132 -11.32 -8.27 -5.07
CA VAL B 132 -10.57 -9.14 -5.97
C VAL B 132 -9.74 -10.13 -5.12
N ALA B 133 -9.09 -9.61 -4.07
CA ALA B 133 -8.28 -10.45 -3.19
C ALA B 133 -9.14 -11.53 -2.53
N GLU B 134 -10.34 -11.15 -2.11
CA GLU B 134 -11.27 -12.05 -1.47
C GLU B 134 -11.70 -13.17 -2.41
N ALA B 135 -12.01 -12.81 -3.64
CA ALA B 135 -12.45 -13.77 -4.64
C ALA B 135 -11.36 -14.78 -5.01
N LEU B 136 -10.11 -14.37 -4.95
CA LEU B 136 -8.99 -15.25 -5.28
C LEU B 136 -8.59 -16.18 -4.13
N SER B 137 -8.92 -15.79 -2.91
CA SER B 137 -8.59 -16.59 -1.73
C SER B 137 -9.74 -17.48 -1.30
N SER B 138 -10.95 -17.11 -1.73
CA SER B 138 -12.15 -17.83 -1.37
C SER B 138 -12.16 -19.31 -1.71
N ASN B 139 -11.75 -19.69 -2.92
CA ASN B 139 -11.77 -21.10 -3.29
C ASN B 139 -10.54 -21.90 -2.91
N TYR B 140 -9.74 -21.38 -1.97
CA TYR B 140 -8.58 -22.13 -1.51
C TYR B 140 -9.13 -23.27 -0.63
N HIS B 141 -8.79 -24.40 -0.93
CA HIS B 141 -9.26 -25.51 -0.13
C HIS B 141 -8.29 -25.86 0.99
#